data_9OVF
#
_entry.id   9OVF
#
_cell.length_a   62.000
_cell.length_b   89.150
_cell.length_c   94.760
_cell.angle_alpha   90.000
_cell.angle_beta   90.000
_cell.angle_gamma   90.000
#
_symmetry.space_group_name_H-M   'P 21 21 21'
#
loop_
_entity.id
_entity.type
_entity.pdbx_description
1 polymer Rubredoxin-1
2 non-polymer 'FE (III) ION'
3 non-polymer 2,3,5,6,8,9,11,12,14,15-decahydro-1,4,7,10,13,16-benzohexaoxacyclooctadecine-18-thiol
4 non-polymer 'ACETATE ION'
5 non-polymer 'SODIUM ION'
6 non-polymer 'POLYETHYLENE GLYCOL (N=34)'
7 water water
#
_entity_poly.entity_id   1
_entity_poly.type   'polypeptide(L)'
_entity_poly.pdbx_seq_one_letter_code
;MQKYVCNVCGYEYDPAEHDNVPFDQLPDDWCCPVCGVSKDQFSPA
;
_entity_poly.pdbx_strand_id   A,B,C,D,E,F,G,H,I,J
#
loop_
_chem_comp.id
_chem_comp.type
_chem_comp.name
_chem_comp.formula
15P non-polymer 'POLYETHYLENE GLYCOL (N=34)' 'C69 H140 O35'
A1CET non-polymer 2,3,5,6,8,9,11,12,14,15-decahydro-1,4,7,10,13,16-benzohexaoxacyclooctadecine-18-thiol 'C16 H24 O6 S'
ACT non-polymer 'ACETATE ION' 'C2 H3 O2 -1'
FE non-polymer 'FE (III) ION' 'Fe 3'
NA non-polymer 'SODIUM ION' 'Na 1'
#
# COMPACT_ATOMS: atom_id res chain seq x y z
N MET A 1 -26.53 4.33 20.33
CA MET A 1 -25.92 3.20 19.64
C MET A 1 -24.43 3.40 19.77
N GLN A 2 -23.73 2.37 20.22
CA GLN A 2 -22.31 2.50 20.53
C GLN A 2 -21.46 2.37 19.27
N LYS A 3 -20.71 3.42 18.92
CA LYS A 3 -19.79 3.37 17.79
C LYS A 3 -18.41 2.86 18.22
N TYR A 4 -17.72 2.21 17.27
CA TYR A 4 -16.35 1.74 17.48
C TYR A 4 -15.47 2.23 16.34
N VAL A 5 -14.18 2.45 16.63
CA VAL A 5 -13.23 2.98 15.67
C VAL A 5 -12.04 2.04 15.57
N CYS A 6 -11.58 1.78 14.34
CA CYS A 6 -10.43 0.93 14.12
C CYS A 6 -9.14 1.63 14.55
N ASN A 7 -8.36 0.95 15.42
CA ASN A 7 -7.08 1.48 15.92
C ASN A 7 -6.09 1.74 14.79
N VAL A 8 -6.17 0.96 13.73
CA VAL A 8 -5.15 0.95 12.70
C VAL A 8 -5.45 1.98 11.62
N CYS A 9 -6.69 2.05 11.15
CA CYS A 9 -6.97 2.89 9.99
C CYS A 9 -7.99 4.00 10.22
N GLY A 10 -8.65 4.04 11.38
CA GLY A 10 -9.64 5.08 11.66
C GLY A 10 -11.04 4.82 11.16
N TYR A 11 -11.28 3.71 10.45
CA TYR A 11 -12.63 3.36 10.03
C TYR A 11 -13.59 3.35 11.23
N GLU A 12 -14.77 3.92 11.05
CA GLU A 12 -15.76 4.01 12.12
C GLU A 12 -16.88 3.01 11.86
N TYR A 13 -17.13 2.14 12.85
CA TYR A 13 -18.30 1.25 12.80
C TYR A 13 -19.45 1.94 13.53
N ASP A 14 -20.45 2.37 12.77
CA ASP A 14 -21.67 2.93 13.31
C ASP A 14 -22.77 1.91 13.05
N PRO A 15 -23.35 1.30 14.09
CA PRO A 15 -24.38 0.28 13.85
C PRO A 15 -25.52 0.73 12.96
N ALA A 16 -25.89 2.02 13.00
CA ALA A 16 -26.97 2.51 12.16
C ALA A 16 -26.65 2.36 10.67
N GLU A 17 -25.36 2.33 10.31
CA GLU A 17 -24.95 2.17 8.92
C GLU A 17 -24.86 0.71 8.52
N HIS A 18 -25.16 -0.23 9.42
CA HIS A 18 -25.05 -1.66 9.21
C HIS A 18 -26.29 -2.36 9.72
N ASP A 19 -27.46 -1.85 9.30
CA ASP A 19 -28.75 -2.44 9.65
C ASP A 19 -28.94 -2.62 11.15
N ASN A 20 -28.37 -1.68 11.91
CA ASN A 20 -28.52 -1.57 13.36
C ASN A 20 -27.93 -2.75 14.13
N VAL A 21 -26.97 -3.47 13.54
CA VAL A 21 -26.29 -4.57 14.22
C VAL A 21 -25.25 -3.99 15.18
N PRO A 22 -25.35 -4.22 16.48
CA PRO A 22 -24.31 -3.69 17.38
C PRO A 22 -22.98 -4.36 17.12
N PHE A 23 -21.91 -3.62 17.40
CA PHE A 23 -20.57 -4.14 17.17
C PHE A 23 -20.36 -5.46 17.91
N ASP A 24 -20.88 -5.56 19.14
CA ASP A 24 -20.64 -6.77 19.92
C ASP A 24 -21.34 -7.98 19.33
N GLN A 25 -22.31 -7.78 18.46
CA GLN A 25 -23.01 -8.92 17.85
C GLN A 25 -22.40 -9.33 16.52
N LEU A 26 -21.38 -8.63 16.05
CA LEU A 26 -20.71 -9.04 14.83
C LEU A 26 -19.97 -10.37 15.03
N PRO A 27 -19.90 -11.19 13.99
CA PRO A 27 -19.17 -12.46 14.10
C PRO A 27 -17.72 -12.22 14.41
N ASP A 28 -17.09 -13.21 15.02
CA ASP A 28 -15.67 -13.13 15.33
C ASP A 28 -14.84 -13.11 14.05
N ASP A 29 -15.45 -13.48 12.91
CA ASP A 29 -14.71 -13.47 11.65
CA ASP A 29 -14.78 -13.49 11.61
C ASP A 29 -14.92 -12.19 10.84
N TRP A 30 -15.72 -11.25 11.33
CA TRP A 30 -15.80 -9.93 10.74
C TRP A 30 -14.43 -9.26 10.84
N CYS A 31 -14.15 -8.36 9.89
CA CYS A 31 -12.92 -7.60 9.99
C CYS A 31 -13.15 -6.21 9.45
N CYS A 32 -12.22 -5.31 9.77
CA CYS A 32 -12.32 -3.94 9.31
C CYS A 32 -12.42 -3.90 7.79
N PRO A 33 -13.45 -3.30 7.21
CA PRO A 33 -13.57 -3.31 5.74
C PRO A 33 -12.46 -2.56 5.02
N VAL A 34 -11.74 -1.68 5.72
CA VAL A 34 -10.65 -0.93 5.08
C VAL A 34 -9.31 -1.65 5.19
N CYS A 35 -8.91 -2.08 6.40
CA CYS A 35 -7.57 -2.60 6.61
C CYS A 35 -7.53 -4.08 6.98
N GLY A 36 -8.67 -4.70 7.26
CA GLY A 36 -8.72 -6.14 7.46
C GLY A 36 -8.40 -6.65 8.86
N VAL A 37 -8.19 -5.77 9.85
CA VAL A 37 -7.91 -6.25 11.21
C VAL A 37 -9.18 -6.80 11.87
N SER A 38 -8.97 -7.62 12.89
CA SER A 38 -10.08 -8.21 13.63
C SER A 38 -10.75 -7.19 14.57
N LYS A 39 -11.87 -7.62 15.16
CA LYS A 39 -12.59 -6.78 16.11
C LYS A 39 -11.74 -6.39 17.32
N ASP A 40 -10.67 -7.14 17.62
CA ASP A 40 -9.81 -6.82 18.74
C ASP A 40 -9.13 -5.47 18.57
N GLN A 41 -9.01 -4.99 17.33
CA GLN A 41 -8.31 -3.73 17.07
C GLN A 41 -9.25 -2.53 17.04
N PHE A 42 -10.44 -2.63 17.63
CA PHE A 42 -11.37 -1.52 17.68
C PHE A 42 -11.52 -1.01 19.10
N SER A 43 -11.81 0.28 19.22
CA SER A 43 -12.01 0.91 20.52
C SER A 43 -13.33 1.65 20.50
N PRO A 44 -14.05 1.66 21.60
CA PRO A 44 -15.34 2.35 21.64
C PRO A 44 -15.14 3.86 21.59
N ALA A 45 -16.09 4.54 20.96
CA ALA A 45 -16.06 5.98 20.91
C ALA A 45 -17.03 6.52 21.96
CA MET B 1 -2.21 -7.15 31.27
C MET B 1 -1.60 -5.98 30.47
N GLN B 2 -0.27 -5.87 30.38
CA GLN B 2 0.36 -4.69 29.79
C GLN B 2 0.29 -4.75 28.27
N LYS B 3 -0.42 -3.79 27.69
CA LYS B 3 -0.58 -3.65 26.25
C LYS B 3 0.55 -2.83 25.63
N TYR B 4 0.88 -3.16 24.38
CA TYR B 4 1.84 -2.41 23.61
C TYR B 4 1.21 -2.04 22.27
N VAL B 5 1.60 -0.88 21.74
CA VAL B 5 1.02 -0.34 20.51
C VAL B 5 2.12 -0.10 19.50
N CYS B 6 1.86 -0.46 18.25
CA CYS B 6 2.83 -0.26 17.18
C CYS B 6 2.96 1.22 16.83
N ASN B 7 4.19 1.73 16.85
CA ASN B 7 4.48 3.13 16.53
C ASN B 7 4.02 3.49 15.13
N VAL B 8 4.05 2.52 14.22
CA VAL B 8 3.87 2.79 12.80
C VAL B 8 2.41 2.69 12.40
N CYS B 9 1.71 1.65 12.82
CA CYS B 9 0.36 1.43 12.32
C CYS B 9 -0.72 1.47 13.39
N GLY B 10 -0.38 1.53 14.67
CA GLY B 10 -1.38 1.58 15.71
C GLY B 10 -1.92 0.24 16.16
N TYR B 11 -1.46 -0.86 15.57
CA TYR B 11 -1.87 -2.18 16.04
C TYR B 11 -1.57 -2.33 17.53
N GLU B 12 -2.54 -2.86 18.28
CA GLU B 12 -2.38 -3.02 19.73
C GLU B 12 -2.18 -4.49 20.05
N TYR B 13 -1.10 -4.80 20.74
CA TYR B 13 -0.88 -6.14 21.26
C TYR B 13 -1.40 -6.19 22.69
N ASP B 14 -2.50 -6.91 22.90
CA ASP B 14 -3.05 -7.14 24.23
C ASP B 14 -2.84 -8.60 24.58
N PRO B 15 -2.01 -8.92 25.57
CA PRO B 15 -1.77 -10.35 25.89
C PRO B 15 -3.04 -11.13 26.14
N ALA B 16 -4.06 -10.50 26.72
CA ALA B 16 -5.32 -11.20 26.98
C ALA B 16 -5.98 -11.70 25.71
N GLU B 17 -5.69 -11.06 24.59
CA GLU B 17 -6.22 -11.50 23.30
C GLU B 17 -5.35 -12.54 22.61
N HIS B 18 -4.22 -12.94 23.21
CA HIS B 18 -3.27 -13.84 22.55
C HIS B 18 -2.76 -14.90 23.54
N ASP B 19 -3.69 -15.63 24.15
CA ASP B 19 -3.38 -16.70 25.11
C ASP B 19 -2.58 -16.20 26.29
N ASN B 20 -2.78 -14.94 26.68
CA ASN B 20 -2.17 -14.37 27.87
C ASN B 20 -0.65 -14.36 27.81
N VAL B 21 -0.08 -14.37 26.61
CA VAL B 21 1.36 -14.31 26.39
C VAL B 21 1.87 -12.88 26.58
N PRO B 22 2.75 -12.61 27.53
CA PRO B 22 3.24 -11.24 27.69
C PRO B 22 4.03 -10.79 26.46
N PHE B 23 3.96 -9.48 26.18
CA PHE B 23 4.67 -8.92 25.03
C PHE B 23 6.16 -9.24 25.09
N ASP B 24 6.77 -9.11 26.28
CA ASP B 24 8.21 -9.34 26.36
C ASP B 24 8.60 -10.80 26.16
N GLN B 25 7.64 -11.73 26.22
CA GLN B 25 7.91 -13.14 25.97
C GLN B 25 7.61 -13.55 24.53
N LEU B 26 7.16 -12.64 23.68
CA LEU B 26 7.04 -12.95 22.28
C LEU B 26 8.44 -13.19 21.71
N PRO B 27 8.57 -14.04 20.70
CA PRO B 27 9.90 -14.32 20.13
C PRO B 27 10.56 -13.04 19.66
N ASP B 28 11.90 -13.04 19.67
CA ASP B 28 12.65 -11.87 19.24
C ASP B 28 12.44 -11.57 17.76
N ASP B 29 11.99 -12.55 16.98
CA ASP B 29 11.71 -12.34 15.56
C ASP B 29 10.23 -12.18 15.26
N TRP B 30 9.39 -12.00 16.28
CA TRP B 30 8.01 -11.59 16.07
C TRP B 30 7.98 -10.22 15.40
N CYS B 31 6.92 -9.95 14.64
CA CYS B 31 6.79 -8.62 14.06
C CYS B 31 5.31 -8.25 14.00
N CYS B 32 5.07 -6.95 13.83
CA CYS B 32 3.70 -6.46 13.79
C CYS B 32 2.90 -7.16 12.71
N PRO B 33 1.76 -7.76 13.02
CA PRO B 33 0.98 -8.47 12.00
C PRO B 33 0.43 -7.56 10.92
N VAL B 34 0.35 -6.25 11.15
CA VAL B 34 -0.16 -5.31 10.15
C VAL B 34 0.96 -4.77 9.28
N CYS B 35 2.04 -4.26 9.87
CA CYS B 35 3.05 -3.55 9.09
C CYS B 35 4.43 -4.20 9.10
N GLY B 36 4.65 -5.23 9.91
CA GLY B 36 5.89 -6.00 9.82
C GLY B 36 7.07 -5.45 10.59
N VAL B 37 6.89 -4.38 11.36
CA VAL B 37 8.03 -3.87 12.14
C VAL B 37 8.34 -4.79 13.32
N SER B 38 9.58 -4.68 13.80
CA SER B 38 10.03 -5.49 14.93
C SER B 38 9.46 -4.97 16.25
N LYS B 39 9.71 -5.75 17.31
CA LYS B 39 9.25 -5.35 18.64
C LYS B 39 9.84 -4.02 19.08
N ASP B 40 10.97 -3.59 18.48
CA ASP B 40 11.55 -2.31 18.86
C ASP B 40 10.65 -1.14 18.53
N GLN B 41 9.73 -1.30 17.59
CA GLN B 41 8.84 -0.23 17.20
C GLN B 41 7.51 -0.24 17.92
N PHE B 42 7.44 -0.87 19.10
CA PHE B 42 6.26 -0.84 19.93
C PHE B 42 6.52 -0.02 21.19
N SER B 43 5.47 0.61 21.68
CA SER B 43 5.52 1.42 22.89
C SER B 43 4.39 0.98 23.81
N PRO B 44 4.62 1.01 25.12
CA PRO B 44 3.56 0.61 26.06
C PRO B 44 2.40 1.59 26.04
N ALA B 45 1.20 1.06 26.22
CA ALA B 45 0.01 1.89 26.30
C ALA B 45 -0.42 2.02 27.77
CA MET C 1 20.79 9.74 23.02
C MET C 1 19.45 10.33 22.56
N GLN C 2 19.48 11.21 21.56
CA GLN C 2 18.30 11.89 21.05
C GLN C 2 17.61 11.00 20.02
N LYS C 3 16.36 10.64 20.29
CA LYS C 3 15.59 9.83 19.35
C LYS C 3 14.97 10.74 18.29
N TYR C 4 14.76 10.19 17.10
CA TYR C 4 14.08 10.90 16.02
C TYR C 4 12.94 10.04 15.52
N VAL C 5 11.87 10.70 15.08
CA VAL C 5 10.67 10.00 14.61
C VAL C 5 10.32 10.45 13.20
N CYS C 6 9.96 9.49 12.35
CA CYS C 6 9.58 9.79 10.97
C CYS C 6 8.23 10.53 10.94
N ASN C 7 8.22 11.68 10.27
CA ASN C 7 6.99 12.49 10.13
C ASN C 7 5.89 11.71 9.44
N VAL C 8 6.26 10.80 8.54
CA VAL C 8 5.30 10.17 7.66
C VAL C 8 4.74 8.88 8.26
N CYS C 9 5.58 8.03 8.84
CA CYS C 9 5.10 6.72 9.26
C CYS C 9 5.26 6.44 10.75
N GLY C 10 5.91 7.32 11.52
CA GLY C 10 6.03 7.11 12.94
C GLY C 10 7.19 6.21 13.36
N TYR C 11 7.94 5.66 12.42
CA TYR C 11 9.13 4.89 12.76
C TYR C 11 10.05 5.70 13.66
N GLU C 12 10.56 5.08 14.71
CA GLU C 12 11.42 5.75 15.68
C GLU C 12 12.85 5.28 15.53
N TYR C 13 13.78 6.22 15.30
CA TYR C 13 15.19 5.92 15.35
C TYR C 13 15.69 6.20 16.76
N ASP C 14 16.02 5.14 17.50
CA ASP C 14 16.59 5.26 18.83
C ASP C 14 18.05 4.86 18.74
N PRO C 15 18.99 5.79 18.93
CA PRO C 15 20.43 5.43 18.83
C PRO C 15 20.83 4.25 19.71
N ALA C 16 20.21 4.09 20.88
CA ALA C 16 20.57 2.99 21.76
C ALA C 16 20.29 1.63 21.12
N GLU C 17 19.36 1.58 20.17
CA GLU C 17 19.05 0.35 19.44
C GLU C 17 19.97 0.14 18.25
N HIS C 18 20.91 1.06 17.99
CA HIS C 18 21.75 1.02 16.79
C HIS C 18 23.21 1.32 17.15
N ASP C 19 23.74 0.59 18.13
CA ASP C 19 25.13 0.71 18.55
C ASP C 19 25.49 2.13 18.97
N ASN C 20 24.50 2.86 19.49
CA ASN C 20 24.70 4.23 19.97
C ASN C 20 25.14 5.19 18.85
N VAL C 21 24.80 4.87 17.61
CA VAL C 21 25.10 5.75 16.47
C VAL C 21 24.12 6.91 16.44
N PRO C 22 24.60 8.14 16.58
CA PRO C 22 23.68 9.30 16.56
C PRO C 22 22.98 9.43 15.21
N PHE C 23 21.77 9.99 15.26
CA PHE C 23 21.01 10.20 14.03
C PHE C 23 21.79 11.05 13.03
N ASP C 24 22.45 12.10 13.51
CA ASP C 24 23.17 12.98 12.59
C ASP C 24 24.40 12.33 11.97
N GLN C 25 24.85 11.18 12.48
CA GLN C 25 25.97 10.46 11.88
C GLN C 25 25.51 9.36 10.95
N LEU C 26 24.21 9.16 10.78
CA LEU C 26 23.75 8.25 9.76
C LEU C 26 24.13 8.84 8.40
N PRO C 27 24.45 8.01 7.43
CA PRO C 27 24.81 8.53 6.11
C PRO C 27 23.65 9.31 5.49
N ASP C 28 23.99 10.26 4.63
CA ASP C 28 22.95 11.04 3.96
C ASP C 28 22.13 10.20 2.98
N ASP C 29 22.59 8.99 2.63
CA ASP C 29 21.86 8.04 1.80
C ASP C 29 20.91 7.16 2.59
N TRP C 30 20.97 7.21 3.92
CA TRP C 30 20.02 6.47 4.74
C TRP C 30 18.61 7.01 4.49
N CYS C 31 17.62 6.12 4.64
CA CYS C 31 16.24 6.55 4.52
C CYS C 31 15.41 5.74 5.49
N CYS C 32 14.20 6.22 5.78
CA CYS C 32 13.35 5.55 6.74
C CYS C 32 13.18 4.09 6.35
N PRO C 33 13.48 3.14 7.24
CA PRO C 33 13.37 1.73 6.85
C PRO C 33 11.95 1.30 6.57
N VAL C 34 10.94 2.04 7.01
CA VAL C 34 9.56 1.68 6.76
C VAL C 34 9.01 2.31 5.49
N CYS C 35 9.16 3.63 5.35
CA CYS C 35 8.50 4.34 4.26
C CYS C 35 9.43 4.98 3.25
N GLY C 36 10.73 5.00 3.50
CA GLY C 36 11.70 5.41 2.51
C GLY C 36 11.97 6.90 2.38
N VAL C 37 11.41 7.74 3.27
CA VAL C 37 11.70 9.19 3.19
C VAL C 37 13.10 9.48 3.69
N SER C 38 13.63 10.63 3.28
CA SER C 38 14.96 11.02 3.71
C SER C 38 14.97 11.49 5.17
N LYS C 39 16.17 11.73 5.68
CA LYS C 39 16.32 12.22 7.05
C LYS C 39 15.66 13.58 7.27
N ASP C 40 15.42 14.34 6.20
CA ASP C 40 14.74 15.63 6.37
C ASP C 40 13.32 15.45 6.87
N GLN C 41 12.72 14.28 6.69
CA GLN C 41 11.36 14.05 7.14
C GLN C 41 11.31 13.43 8.52
N PHE C 42 12.34 13.60 9.32
CA PHE C 42 12.37 13.16 10.71
C PHE C 42 12.38 14.36 11.63
N SER C 43 11.79 14.18 12.81
CA SER C 43 11.76 15.23 13.81
C SER C 43 12.25 14.65 15.12
N PRO C 44 12.95 15.43 15.93
CA PRO C 44 13.42 14.90 17.21
C PRO C 44 12.23 14.60 18.11
N ALA C 45 12.34 13.50 18.86
CA ALA C 45 11.30 13.08 19.79
C ALA C 45 11.73 13.27 21.25
N MET D 1 10.26 30.23 6.81
CA MET D 1 8.97 30.75 6.35
C MET D 1 7.86 29.82 6.85
N GLN D 2 6.68 29.89 6.22
CA GLN D 2 5.53 29.11 6.68
C GLN D 2 5.68 27.69 6.16
N LYS D 3 5.73 26.73 7.09
CA LYS D 3 5.78 25.32 6.73
C LYS D 3 4.37 24.80 6.52
N TYR D 4 4.25 23.82 5.62
CA TYR D 4 2.98 23.17 5.37
C TYR D 4 3.16 21.67 5.49
N VAL D 5 2.09 21.01 5.94
CA VAL D 5 2.12 19.57 6.20
C VAL D 5 1.00 18.91 5.42
N CYS D 6 1.32 17.76 4.82
CA CYS D 6 0.32 17.02 4.06
C CYS D 6 -0.73 16.42 4.99
N ASN D 7 -2.01 16.68 4.68
CA ASN D 7 -3.13 16.17 5.48
C ASN D 7 -3.16 14.66 5.52
N VAL D 8 -2.69 14.01 4.46
CA VAL D 8 -2.85 12.57 4.28
C VAL D 8 -1.67 11.81 4.86
N CYS D 9 -0.45 12.24 4.60
CA CYS D 9 0.69 11.41 4.99
C CYS D 9 1.65 12.06 5.96
N GLY D 10 1.49 13.35 6.29
CA GLY D 10 2.38 13.99 7.24
C GLY D 10 3.67 14.54 6.68
N TYR D 11 3.93 14.37 5.39
CA TYR D 11 5.10 15.00 4.76
C TYR D 11 5.11 16.50 5.03
N GLU D 12 6.27 17.04 5.37
CA GLU D 12 6.41 18.45 5.71
C GLU D 12 7.15 19.19 4.60
N TYR D 13 6.52 20.23 4.05
CA TYR D 13 7.19 21.15 3.16
C TYR D 13 7.71 22.30 4.00
N ASP D 14 9.03 22.36 4.16
CA ASP D 14 9.67 23.46 4.88
C ASP D 14 10.41 24.32 3.86
N PRO D 15 9.98 25.55 3.63
CA PRO D 15 10.68 26.38 2.63
C PRO D 15 12.18 26.50 2.87
N ALA D 16 12.61 26.46 4.14
CA ALA D 16 14.05 26.56 4.41
C ALA D 16 14.84 25.42 3.81
N GLU D 17 14.21 24.27 3.56
CA GLU D 17 14.88 23.15 2.92
C GLU D 17 14.84 23.22 1.41
N HIS D 18 14.18 24.24 0.85
CA HIS D 18 14.00 24.35 -0.60
C HIS D 18 14.24 25.79 -1.06
N ASP D 19 15.37 26.34 -0.64
CA ASP D 19 15.84 27.66 -1.08
C ASP D 19 14.83 28.77 -0.78
N ASN D 20 14.03 28.60 0.27
CA ASN D 20 13.02 29.59 0.66
C ASN D 20 11.93 29.82 -0.38
N VAL D 21 11.66 28.83 -1.23
CA VAL D 21 10.53 28.93 -2.13
C VAL D 21 9.29 28.72 -1.29
N PRO D 22 8.40 29.71 -1.18
CA PRO D 22 7.19 29.54 -0.36
C PRO D 22 6.30 28.46 -0.95
N PHE D 23 5.52 27.83 -0.07
CA PHE D 23 4.59 26.80 -0.53
C PHE D 23 3.67 27.34 -1.61
N ASP D 24 3.17 28.56 -1.45
CA ASP D 24 2.22 29.07 -2.43
C ASP D 24 2.84 29.34 -3.79
N GLN D 25 4.17 29.35 -3.89
CA GLN D 25 4.87 29.54 -5.14
C GLN D 25 5.30 28.24 -5.81
N LEU D 26 5.04 27.09 -5.20
CA LEU D 26 5.32 25.84 -5.86
C LEU D 26 4.43 25.72 -7.11
N PRO D 27 4.92 25.07 -8.15
CA PRO D 27 4.13 24.93 -9.38
C PRO D 27 2.81 24.22 -9.10
N ASP D 28 1.80 24.54 -9.89
CA ASP D 28 0.49 23.91 -9.72
C ASP D 28 0.52 22.42 -10.04
N ASP D 29 1.51 21.96 -10.78
CA ASP D 29 1.68 20.54 -11.07
C ASP D 29 2.46 19.80 -10.00
N TRP D 30 2.91 20.50 -8.97
CA TRP D 30 3.57 19.85 -7.86
C TRP D 30 2.55 19.01 -7.09
N CYS D 31 3.02 17.92 -6.49
CA CYS D 31 2.14 17.13 -5.62
C CYS D 31 2.99 16.56 -4.50
N CYS D 32 2.34 16.07 -3.45
CA CYS D 32 3.06 15.56 -2.29
C CYS D 32 4.05 14.49 -2.75
N PRO D 33 5.34 14.63 -2.45
CA PRO D 33 6.31 13.63 -2.94
C PRO D 33 6.09 12.25 -2.36
N VAL D 34 5.37 12.13 -1.25
CA VAL D 34 5.15 10.84 -0.62
C VAL D 34 3.86 10.19 -1.12
N CYS D 35 2.74 10.91 -1.11
CA CYS D 35 1.45 10.30 -1.38
C CYS D 35 0.74 10.84 -2.62
N GLY D 36 1.23 11.91 -3.23
CA GLY D 36 0.72 12.35 -4.53
C GLY D 36 -0.48 13.28 -4.51
N VAL D 37 -0.94 13.72 -3.33
CA VAL D 37 -2.08 14.65 -3.31
C VAL D 37 -1.65 16.04 -3.76
N SER D 38 -2.63 16.82 -4.19
CA SER D 38 -2.34 18.18 -4.63
C SER D 38 -2.07 19.10 -3.44
N LYS D 39 -1.64 20.31 -3.78
CA LYS D 39 -1.35 21.33 -2.77
C LYS D 39 -2.57 21.67 -1.93
N ASP D 40 -3.79 21.40 -2.44
CA ASP D 40 -4.98 21.70 -1.64
C ASP D 40 -5.09 20.83 -0.40
N GLN D 41 -4.42 19.69 -0.37
CA GLN D 41 -4.48 18.78 0.77
C GLN D 41 -3.34 19.01 1.76
N PHE D 42 -2.81 20.23 1.81
CA PHE D 42 -1.81 20.61 2.80
C PHE D 42 -2.42 21.64 3.75
N SER D 43 -1.91 21.66 4.97
CA SER D 43 -2.34 22.62 5.98
C SER D 43 -1.09 23.28 6.57
N PRO D 44 -1.17 24.57 6.89
CA PRO D 44 -0.01 25.24 7.50
C PRO D 44 0.26 24.71 8.90
N ALA D 45 1.53 24.62 9.25
CA ALA D 45 1.95 24.14 10.57
C ALA D 45 2.36 25.27 11.49
N MET E 1 -18.09 27.40 4.60
CA MET E 1 -19.12 26.36 4.81
C MET E 1 -18.53 25.22 5.65
N GLN E 2 -19.27 24.14 5.87
CA GLN E 2 -18.81 23.10 6.79
C GLN E 2 -17.86 22.15 6.06
N LYS E 3 -16.64 22.05 6.56
CA LYS E 3 -15.66 21.13 6.03
C LYS E 3 -15.83 19.75 6.67
N TYR E 4 -15.49 18.72 5.89
CA TYR E 4 -15.52 17.34 6.35
C TYR E 4 -14.18 16.71 6.09
N VAL E 5 -13.78 15.77 6.96
CA VAL E 5 -12.48 15.13 6.89
C VAL E 5 -12.69 13.63 6.85
N CYS E 6 -11.93 12.96 6.00
CA CYS E 6 -12.01 11.50 5.88
C CYS E 6 -11.44 10.85 7.14
N ASN E 7 -12.24 9.96 7.75
CA ASN E 7 -11.81 9.25 8.97
C ASN E 7 -10.55 8.44 8.73
N VAL E 8 -10.36 7.96 7.51
CA VAL E 8 -9.33 6.94 7.23
C VAL E 8 -8.01 7.58 6.82
N CYS E 9 -8.05 8.56 5.91
CA CYS E 9 -6.82 9.07 5.31
C CYS E 9 -6.54 10.56 5.55
N GLY E 10 -7.48 11.32 6.14
CA GLY E 10 -7.26 12.73 6.42
C GLY E 10 -7.58 13.70 5.28
N TYR E 11 -7.98 13.18 4.11
CA TYR E 11 -8.44 14.04 3.02
C TYR E 11 -9.53 14.99 3.53
N GLU E 12 -9.42 16.26 3.16
CA GLU E 12 -10.37 17.28 3.61
C GLU E 12 -11.26 17.70 2.46
N TYR E 13 -12.58 17.59 2.63
CA TYR E 13 -13.55 18.16 1.70
C TYR E 13 -13.90 19.55 2.22
N ASP E 14 -13.42 20.57 1.51
CA ASP E 14 -13.72 21.97 1.82
C ASP E 14 -14.65 22.48 0.73
N PRO E 15 -15.92 22.77 1.03
CA PRO E 15 -16.83 23.27 -0.02
C PRO E 15 -16.25 24.47 -0.76
N ALA E 16 -15.46 25.33 -0.09
CA ALA E 16 -14.90 26.50 -0.76
C ALA E 16 -13.98 26.12 -1.91
N GLU E 17 -13.40 24.92 -1.90
CA GLU E 17 -12.58 24.45 -3.00
C GLU E 17 -13.39 23.79 -4.11
N HIS E 18 -14.70 23.68 -3.94
CA HIS E 18 -15.56 22.96 -4.88
C HIS E 18 -16.84 23.72 -5.15
N ASP E 19 -16.71 25.02 -5.47
CA ASP E 19 -17.82 25.88 -5.86
C ASP E 19 -18.92 25.95 -4.79
N ASN E 20 -18.55 25.80 -3.51
CA ASN E 20 -19.50 25.80 -2.39
C ASN E 20 -20.55 24.70 -2.46
N VAL E 21 -20.26 23.60 -3.13
CA VAL E 21 -21.18 22.46 -3.10
C VAL E 21 -21.04 21.83 -1.72
N PRO E 22 -22.12 21.81 -0.92
CA PRO E 22 -22.02 21.22 0.42
C PRO E 22 -21.73 19.73 0.34
N PHE E 23 -21.06 19.22 1.38
CA PHE E 23 -20.76 17.79 1.43
C PHE E 23 -22.03 16.95 1.27
N ASP E 24 -23.13 17.36 1.92
CA ASP E 24 -24.34 16.55 1.85
C ASP E 24 -24.95 16.53 0.46
N GLN E 25 -24.53 17.40 -0.45
CA GLN E 25 -25.04 17.41 -1.81
C GLN E 25 -24.16 16.64 -2.79
N LEU E 26 -23.05 16.07 -2.33
CA LEU E 26 -22.24 15.24 -3.21
C LEU E 26 -23.04 14.00 -3.60
N PRO E 27 -22.84 13.49 -4.83
CA PRO E 27 -23.60 12.32 -5.26
C PRO E 27 -23.39 11.11 -4.37
N ASP E 28 -24.40 10.23 -4.36
CA ASP E 28 -24.33 9.05 -3.51
C ASP E 28 -23.21 8.11 -3.92
N ASP E 29 -22.75 8.18 -5.16
CA ASP E 29 -21.65 7.35 -5.60
C ASP E 29 -20.28 8.02 -5.47
N TRP E 30 -20.22 9.22 -4.91
CA TRP E 30 -18.94 9.86 -4.62
C TRP E 30 -18.20 9.08 -3.54
N CYS E 31 -16.88 9.12 -3.60
CA CYS E 31 -16.05 8.51 -2.57
C CYS E 31 -14.79 9.33 -2.38
N CYS E 32 -14.12 9.07 -1.26
CA CYS E 32 -12.91 9.81 -0.93
C CYS E 32 -11.92 9.70 -2.08
N PRO E 33 -11.46 10.81 -2.65
CA PRO E 33 -10.54 10.71 -3.79
C PRO E 33 -9.20 10.08 -3.45
N VAL E 34 -8.82 10.04 -2.18
CA VAL E 34 -7.53 9.48 -1.78
C VAL E 34 -7.63 7.99 -1.47
N CYS E 35 -8.60 7.58 -0.65
CA CYS E 35 -8.67 6.20 -0.19
C CYS E 35 -9.92 5.45 -0.61
N GLY E 36 -10.92 6.12 -1.20
CA GLY E 36 -12.06 5.43 -1.76
C GLY E 36 -13.18 5.08 -0.80
N VAL E 37 -13.13 5.50 0.47
CA VAL E 37 -14.25 5.21 1.37
C VAL E 37 -15.47 6.05 0.98
N SER E 38 -16.64 5.57 1.41
CA SER E 38 -17.88 6.27 1.13
C SER E 38 -18.03 7.50 2.01
N LYS E 39 -19.07 8.28 1.71
CA LYS E 39 -19.35 9.49 2.50
C LYS E 39 -19.61 9.17 3.96
N ASP E 40 -19.99 7.93 4.30
CA ASP E 40 -20.23 7.60 5.70
C ASP E 40 -18.97 7.72 6.56
N GLN E 41 -17.78 7.62 5.95
CA GLN E 41 -16.52 7.64 6.68
C GLN E 41 -15.92 9.04 6.78
N PHE E 42 -16.75 10.07 6.71
CA PHE E 42 -16.33 11.45 6.91
C PHE E 42 -16.94 12.00 8.18
N SER E 43 -16.19 12.90 8.82
CA SER E 43 -16.65 13.57 10.03
C SER E 43 -16.46 15.08 9.85
N PRO E 44 -17.37 15.89 10.39
CA PRO E 44 -17.22 17.34 10.24
C PRO E 44 -16.02 17.84 11.02
N ALA E 45 -15.38 18.89 10.48
CA ALA E 45 -14.21 19.47 11.11
C ALA E 45 -14.57 20.72 11.92
CA MET F 1 13.33 6.19 -29.25
C MET F 1 13.06 4.87 -28.51
N GLN F 2 14.01 4.41 -27.71
CA GLN F 2 13.94 3.17 -26.96
C GLN F 2 13.13 3.40 -25.68
N LYS F 3 12.04 2.66 -25.53
CA LYS F 3 11.26 2.75 -24.31
C LYS F 3 11.87 1.84 -23.26
N TYR F 4 11.70 2.22 -21.99
CA TYR F 4 12.15 1.42 -20.87
C TYR F 4 10.97 1.21 -19.92
N VAL F 5 10.98 0.07 -19.26
CA VAL F 5 9.88 -0.33 -18.39
C VAL F 5 10.41 -0.64 -17.00
N CYS F 6 9.67 -0.18 -15.99
CA CYS F 6 10.05 -0.44 -14.60
C CYS F 6 9.86 -1.90 -14.25
N ASN F 7 10.92 -2.54 -13.74
CA ASN F 7 10.86 -3.95 -13.36
C ASN F 7 9.80 -4.20 -12.30
N VAL F 8 9.55 -3.20 -11.44
CA VAL F 8 8.74 -3.41 -10.24
C VAL F 8 7.26 -3.13 -10.50
N CYS F 9 6.93 -2.04 -11.18
CA CYS F 9 5.54 -1.63 -11.29
C CYS F 9 5.00 -1.57 -12.70
N GLY F 10 5.83 -1.72 -13.73
CA GLY F 10 5.34 -1.69 -15.10
C GLY F 10 5.22 -0.33 -15.73
N TYR F 11 5.51 0.75 -15.00
CA TYR F 11 5.54 2.07 -15.60
C TYR F 11 6.46 2.10 -16.82
N GLU F 12 6.00 2.73 -17.90
CA GLU F 12 6.77 2.79 -19.14
C GLU F 12 7.30 4.21 -19.36
N TYR F 13 8.62 4.33 -19.51
CA TYR F 13 9.22 5.59 -19.95
C TYR F 13 9.34 5.58 -21.46
N ASP F 14 8.54 6.42 -22.13
CA ASP F 14 8.58 6.56 -23.58
C ASP F 14 9.17 7.93 -23.89
N PRO F 15 10.36 8.01 -24.46
CA PRO F 15 10.96 9.33 -24.73
C PRO F 15 10.06 10.23 -25.56
N ALA F 16 9.24 9.67 -26.46
CA ALA F 16 8.35 10.49 -27.27
C ALA F 16 7.32 11.24 -26.42
N GLU F 17 7.01 10.74 -25.24
CA GLU F 17 6.08 11.39 -24.32
C GLU F 17 6.75 12.43 -23.43
N HIS F 18 8.06 12.63 -23.57
CA HIS F 18 8.82 13.53 -22.69
C HIS F 18 9.77 14.39 -23.48
N ASP F 19 9.25 15.08 -24.50
CA ASP F 19 10.04 16.01 -25.29
C ASP F 19 11.25 15.34 -25.93
N ASN F 20 11.13 14.05 -26.24
CA ASN F 20 12.17 13.27 -26.89
C ASN F 20 13.42 13.14 -26.03
N VAL F 21 13.29 13.29 -24.71
CA VAL F 21 14.42 13.11 -23.80
C VAL F 21 14.72 11.62 -23.62
N PRO F 22 15.89 11.17 -24.04
CA PRO F 22 16.25 9.75 -23.88
C PRO F 22 16.37 9.37 -22.41
N PHE F 23 16.12 8.08 -22.14
CA PHE F 23 16.23 7.58 -20.77
C PHE F 23 17.61 7.90 -20.18
N ASP F 24 18.66 7.80 -21.01
CA ASP F 24 20.02 8.06 -20.56
C ASP F 24 20.24 9.54 -20.22
N GLN F 25 19.29 10.40 -20.60
CA GLN F 25 19.45 11.86 -20.36
C GLN F 25 18.58 12.31 -19.18
N LEU F 26 17.89 11.39 -18.51
CA LEU F 26 17.09 11.75 -17.34
C LEU F 26 17.97 12.27 -16.21
N PRO F 27 17.43 13.13 -15.35
CA PRO F 27 18.24 13.69 -14.26
C PRO F 27 18.82 12.61 -13.36
N ASP F 28 19.92 12.98 -12.70
CA ASP F 28 20.64 12.04 -11.84
C ASP F 28 19.80 11.58 -10.66
N ASP F 29 18.85 12.38 -10.22
CA ASP F 29 18.03 12.02 -9.07
C ASP F 29 16.63 11.56 -9.47
N TRP F 30 16.42 11.27 -10.74
CA TRP F 30 15.14 10.77 -11.20
C TRP F 30 14.89 9.36 -10.63
N CYS F 31 13.62 9.06 -10.42
CA CYS F 31 13.23 7.73 -9.98
C CYS F 31 11.87 7.42 -10.57
N CYS F 32 11.49 6.14 -10.56
CA CYS F 32 10.22 5.76 -11.15
C CYS F 32 9.10 6.60 -10.56
N PRO F 33 8.30 7.30 -11.38
CA PRO F 33 7.27 8.18 -10.81
C PRO F 33 6.17 7.43 -10.08
N VAL F 34 6.03 6.13 -10.30
CA VAL F 34 4.99 5.36 -9.63
C VAL F 34 5.49 4.71 -8.34
N CYS F 35 6.63 4.00 -8.39
CA CYS F 35 7.07 3.22 -7.24
C CYS F 35 8.38 3.69 -6.62
N GLY F 36 9.09 4.62 -7.25
CA GLY F 36 10.25 5.25 -6.63
C GLY F 36 11.58 4.53 -6.78
N VAL F 37 11.65 3.45 -7.55
CA VAL F 37 12.94 2.77 -7.70
C VAL F 37 13.86 3.58 -8.61
N SER F 38 15.16 3.31 -8.49
CA SER F 38 16.15 4.01 -9.31
C SER F 38 16.11 3.51 -10.75
N LYS F 39 16.88 4.22 -11.59
CA LYS F 39 16.99 3.86 -13.01
C LYS F 39 17.57 2.47 -13.22
N ASP F 40 18.28 1.92 -12.25
CA ASP F 40 18.81 0.56 -12.40
C ASP F 40 17.72 -0.50 -12.50
N GLN F 41 16.52 -0.21 -12.01
CA GLN F 41 15.42 -1.18 -12.04
C GLN F 41 14.55 -1.03 -13.26
N PHE F 42 15.10 -0.49 -14.35
CA PHE F 42 14.39 -0.40 -15.62
C PHE F 42 15.04 -1.32 -16.65
N SER F 43 14.22 -1.84 -17.56
CA SER F 43 14.67 -2.72 -18.63
C SER F 43 14.12 -2.20 -19.95
N PRO F 44 14.90 -2.36 -21.03
CA PRO F 44 14.42 -1.90 -22.34
C PRO F 44 13.25 -2.73 -22.83
N ALA F 45 12.34 -2.07 -23.54
CA ALA F 45 11.17 -2.75 -24.09
C ALA F 45 11.35 -3.06 -25.57
N MET G 1 27.43 -11.56 -13.45
CA MET G 1 27.24 -12.92 -12.97
C MET G 1 25.77 -13.35 -13.02
N GLN G 2 25.33 -14.15 -12.05
CA GLN G 2 23.97 -14.65 -12.03
C GLN G 2 23.05 -13.61 -11.39
N LYS G 3 22.06 -13.14 -12.15
CA LYS G 3 21.08 -12.21 -11.61
C LYS G 3 19.94 -12.97 -10.92
N TYR G 4 19.35 -12.35 -9.92
CA TYR G 4 18.22 -12.91 -9.21
C TYR G 4 17.09 -11.89 -9.17
N VAL G 5 15.86 -12.37 -9.19
CA VAL G 5 14.66 -11.54 -9.26
C VAL G 5 13.75 -11.89 -8.10
N CYS G 6 13.20 -10.87 -7.46
CA CYS G 6 12.29 -11.07 -6.34
C CYS G 6 10.95 -11.62 -6.83
N ASN G 7 10.51 -12.74 -6.20
CA ASN G 7 9.26 -13.38 -6.57
C ASN G 7 8.08 -12.44 -6.41
N VAL G 8 8.16 -11.52 -5.45
CA VAL G 8 7.00 -10.73 -5.04
C VAL G 8 6.89 -9.43 -5.81
N CYS G 9 7.99 -8.70 -6.00
CA CYS G 9 7.88 -7.36 -6.55
C CYS G 9 8.62 -7.13 -7.86
N GLY G 10 9.40 -8.10 -8.35
CA GLY G 10 10.13 -7.93 -9.59
C GLY G 10 11.48 -7.24 -9.48
N TYR G 11 11.88 -6.79 -8.29
CA TYR G 11 13.20 -6.19 -8.12
C TYR G 11 14.28 -7.15 -8.61
N GLU G 12 15.26 -6.62 -9.35
CA GLU G 12 16.33 -7.42 -9.92
C GLU G 12 17.63 -7.15 -9.18
N TYR G 13 18.23 -8.20 -8.63
CA TYR G 13 19.58 -8.12 -8.07
C TYR G 13 20.56 -8.50 -9.17
N ASP G 14 21.31 -7.51 -9.66
CA ASP G 14 22.34 -7.72 -10.65
C ASP G 14 23.69 -7.53 -9.98
N PRO G 15 24.49 -8.58 -9.82
CA PRO G 15 25.79 -8.43 -9.16
C PRO G 15 26.67 -7.37 -9.79
N ALA G 16 26.57 -7.17 -11.11
CA ALA G 16 27.36 -6.14 -11.78
C ALA G 16 27.03 -4.75 -11.27
N GLU G 17 25.84 -4.55 -10.73
CA GLU G 17 25.46 -3.28 -10.12
C GLU G 17 25.85 -3.18 -8.65
N HIS G 18 26.48 -4.20 -8.10
CA HIS G 18 26.78 -4.24 -6.66
C HIS G 18 28.20 -4.75 -6.42
N ASP G 19 29.19 -4.13 -7.07
CA ASP G 19 30.60 -4.45 -6.87
C ASP G 19 30.88 -5.94 -7.12
N ASN G 20 30.11 -6.55 -8.02
CA ASN G 20 30.28 -7.95 -8.41
C ASN G 20 30.08 -8.92 -7.24
N VAL G 21 29.34 -8.51 -6.22
CA VAL G 21 29.02 -9.39 -5.09
C VAL G 21 27.94 -10.38 -5.49
N PRO G 22 28.21 -11.68 -5.48
CA PRO G 22 27.18 -12.66 -5.86
C PRO G 22 26.04 -12.67 -4.86
N PHE G 23 24.85 -13.02 -5.37
CA PHE G 23 23.67 -13.06 -4.53
C PHE G 23 23.87 -13.96 -3.32
N ASP G 24 24.49 -15.13 -3.52
CA ASP G 24 24.67 -16.07 -2.42
C ASP G 24 25.62 -15.59 -1.33
N GLN G 25 26.37 -14.52 -1.58
CA GLN G 25 27.25 -13.95 -0.56
C GLN G 25 26.63 -12.76 0.18
N LEU G 26 25.40 -12.36 -0.16
CA LEU G 26 24.75 -11.29 0.57
C LEU G 26 24.53 -11.70 2.03
N PRO G 27 24.57 -10.74 2.96
CA PRO G 27 24.36 -11.07 4.37
C PRO G 27 23.01 -11.71 4.61
N ASP G 28 22.92 -12.54 5.67
CA ASP G 28 21.65 -13.18 5.98
C ASP G 28 20.57 -12.21 6.42
N ASP G 29 20.93 -11.00 6.86
CA ASP G 29 19.94 -10.00 7.19
C ASP G 29 19.60 -9.08 6.01
N TRP G 30 20.11 -9.37 4.83
CA TRP G 30 19.70 -8.64 3.64
C TRP G 30 18.27 -9.03 3.27
N CYS G 31 17.55 -8.09 2.69
CA CYS G 31 16.19 -8.36 2.23
C CYS G 31 15.94 -7.52 0.99
N CYS G 32 14.89 -7.85 0.25
CA CYS G 32 14.57 -7.12 -0.96
C CYS G 32 14.44 -5.63 -0.65
N PRO G 33 15.19 -4.75 -1.32
CA PRO G 33 15.11 -3.31 -0.97
C PRO G 33 13.76 -2.70 -1.27
N VAL G 34 12.94 -3.33 -2.12
CA VAL G 34 11.64 -2.77 -2.49
C VAL G 34 10.52 -3.27 -1.60
N CYS G 35 10.41 -4.59 -1.39
CA CYS G 35 9.29 -5.15 -0.66
C CYS G 35 9.67 -5.85 0.64
N GLY G 36 10.94 -6.06 0.91
CA GLY G 36 11.38 -6.55 2.20
C GLY G 36 11.37 -8.05 2.42
N VAL G 37 11.08 -8.86 1.40
CA VAL G 37 11.11 -10.32 1.60
C VAL G 37 12.54 -10.81 1.72
N SER G 38 12.70 -12.00 2.30
CA SER G 38 14.02 -12.58 2.49
C SER G 38 14.59 -13.11 1.16
N LYS G 39 15.87 -13.48 1.21
CA LYS G 39 16.53 -14.04 0.03
C LYS G 39 15.86 -15.31 -0.48
N ASP G 40 15.12 -16.02 0.37
CA ASP G 40 14.42 -17.23 -0.05
C ASP G 40 13.35 -16.95 -1.09
N GLN G 41 12.86 -15.71 -1.17
CA GLN G 41 11.83 -15.34 -2.12
C GLN G 41 12.39 -14.79 -3.42
N PHE G 42 13.61 -15.16 -3.77
CA PHE G 42 14.23 -14.76 -5.03
C PHE G 42 14.45 -15.98 -5.92
N SER G 43 14.43 -15.74 -7.22
CA SER G 43 14.67 -16.80 -8.19
C SER G 43 15.70 -16.34 -9.20
N PRO G 44 16.55 -17.25 -9.66
CA PRO G 44 17.57 -16.87 -10.66
C PRO G 44 16.93 -16.54 -11.99
N ALA G 45 17.53 -15.57 -12.68
CA ALA G 45 17.04 -15.17 -14.00
C ALA G 45 17.91 -15.81 -15.10
CA MET H 1 8.10 -31.50 -2.04
C MET H 1 7.45 -30.46 -2.95
N GLN H 2 6.12 -30.41 -2.95
CA GLN H 2 5.39 -29.57 -3.88
C GLN H 2 5.31 -28.15 -3.32
N LYS H 3 5.88 -27.20 -4.06
CA LYS H 3 5.82 -25.80 -3.69
C LYS H 3 4.52 -25.20 -4.20
N TYR H 4 4.04 -24.18 -3.49
CA TYR H 4 2.84 -23.46 -3.88
C TYR H 4 3.18 -21.98 -3.93
N VAL H 5 2.51 -21.27 -4.85
CA VAL H 5 2.73 -19.85 -5.08
C VAL H 5 1.43 -19.09 -4.87
N CYS H 6 1.52 -17.94 -4.20
CA CYS H 6 0.36 -17.09 -3.98
C CYS H 6 -0.09 -16.41 -5.27
N ASN H 7 -1.39 -16.58 -5.62
CA ASN H 7 -1.95 -15.98 -6.84
C ASN H 7 -1.80 -14.47 -6.85
N VAL H 8 -1.82 -13.85 -5.67
CA VAL H 8 -1.94 -12.41 -5.54
C VAL H 8 -0.58 -11.73 -5.54
N CYS H 9 0.40 -12.27 -4.78
CA CYS H 9 1.66 -11.56 -4.59
C CYS H 9 2.90 -12.33 -5.03
N GLY H 10 2.78 -13.61 -5.40
CA GLY H 10 3.93 -14.38 -5.86
C GLY H 10 4.78 -15.03 -4.78
N TYR H 11 4.45 -14.82 -3.51
CA TYR H 11 5.14 -15.51 -2.44
C TYR H 11 5.10 -17.02 -2.67
N GLU H 12 6.23 -17.67 -2.45
CA GLU H 12 6.38 -19.11 -2.65
C GLU H 12 6.48 -19.81 -1.30
N TYR H 13 5.60 -20.78 -1.07
CA TYR H 13 5.69 -21.69 0.08
C TYR H 13 6.45 -22.94 -0.34
N ASP H 14 7.65 -23.11 0.20
CA ASP H 14 8.46 -24.30 -0.04
C ASP H 14 8.45 -25.15 1.22
N PRO H 15 7.86 -26.35 1.20
CA PRO H 15 7.85 -27.18 2.41
C PRO H 15 9.23 -27.41 2.99
N ALA H 16 10.27 -27.46 2.15
CA ALA H 16 11.62 -27.68 2.63
C ALA H 16 12.10 -26.58 3.56
N GLU H 17 11.53 -25.38 3.47
CA GLU H 17 11.88 -24.29 4.37
C GLU H 17 11.07 -24.28 5.66
N HIS H 18 10.16 -25.24 5.83
CA HIS H 18 9.25 -25.23 6.97
C HIS H 18 9.11 -26.65 7.55
N ASP H 19 10.24 -27.27 7.90
CA ASP H 19 10.28 -28.63 8.47
C ASP H 19 9.61 -29.67 7.58
N ASN H 20 9.64 -29.49 6.26
CA ASN H 20 9.05 -30.45 5.33
C ASN H 20 7.55 -30.63 5.53
N VAL H 21 6.88 -29.59 6.06
CA VAL H 21 5.43 -29.62 6.22
C VAL H 21 4.76 -29.37 4.88
N PRO H 22 4.00 -30.31 4.33
CA PRO H 22 3.33 -30.07 3.04
C PRO H 22 2.31 -28.95 3.16
N PHE H 23 2.08 -28.28 2.03
CA PHE H 23 1.11 -27.18 2.01
C PHE H 23 -0.26 -27.65 2.50
N ASP H 24 -0.68 -28.85 2.09
CA ASP H 24 -2.00 -29.32 2.50
C ASP H 24 -2.09 -29.62 3.99
N GLN H 25 -0.96 -29.69 4.69
CA GLN H 25 -0.98 -29.90 6.13
C GLN H 25 -0.90 -28.60 6.91
N LEU H 26 -0.79 -27.46 6.24
CA LEU H 26 -0.83 -26.19 6.95
C LEU H 26 -2.23 -26.00 7.55
N PRO H 27 -2.30 -25.34 8.71
CA PRO H 27 -3.61 -25.08 9.34
C PRO H 27 -4.53 -24.27 8.44
N ASP H 28 -5.83 -24.43 8.68
CA ASP H 28 -6.84 -23.72 7.91
C ASP H 28 -6.77 -22.20 8.10
N ASP H 29 -6.15 -21.73 9.19
CA ASP H 29 -6.04 -20.30 9.45
C ASP H 29 -4.70 -19.71 9.04
N TRP H 30 -3.82 -20.51 8.44
CA TRP H 30 -2.60 -19.99 7.82
C TRP H 30 -2.98 -19.00 6.72
N CYS H 31 -2.10 -18.04 6.47
CA CYS H 31 -2.34 -17.13 5.36
C CYS H 31 -1.00 -16.69 4.78
N CYS H 32 -1.05 -16.12 3.58
CA CYS H 32 0.15 -15.67 2.91
C CYS H 32 0.90 -14.67 3.79
N PRO H 33 2.16 -14.91 4.10
CA PRO H 33 2.87 -13.97 5.00
C PRO H 33 3.07 -12.60 4.40
N VAL H 34 2.97 -12.46 3.08
CA VAL H 34 3.17 -11.18 2.43
C VAL H 34 1.88 -10.39 2.27
N CYS H 35 0.82 -11.01 1.75
CA CYS H 35 -0.40 -10.28 1.41
C CYS H 35 -1.63 -10.71 2.21
N GLY H 36 -1.55 -11.79 2.99
CA GLY H 36 -2.60 -12.15 3.91
C GLY H 36 -3.75 -12.98 3.34
N VAL H 37 -3.69 -13.39 2.08
CA VAL H 37 -4.77 -14.22 1.54
C VAL H 37 -4.72 -15.64 2.11
N SER H 38 -5.87 -16.31 2.04
CA SER H 38 -6.00 -17.68 2.53
C SER H 38 -5.35 -18.69 1.58
N LYS H 39 -5.27 -19.95 2.06
CA LYS H 39 -4.70 -21.03 1.26
C LYS H 39 -5.42 -21.23 -0.07
N ASP H 40 -6.69 -20.81 -0.17
CA ASP H 40 -7.42 -20.95 -1.42
C ASP H 40 -6.82 -20.15 -2.55
N GLN H 41 -6.04 -19.10 -2.24
CA GLN H 41 -5.45 -18.25 -3.25
C GLN H 41 -4.03 -18.68 -3.62
N PHE H 42 -3.68 -19.94 -3.38
CA PHE H 42 -2.40 -20.49 -3.79
C PHE H 42 -2.60 -21.51 -4.90
N SER H 43 -1.60 -21.63 -5.76
CA SER H 43 -1.61 -22.60 -6.84
C SER H 43 -0.30 -23.38 -6.79
N PRO H 44 -0.32 -24.66 -7.12
CA PRO H 44 0.92 -25.45 -7.10
C PRO H 44 1.86 -24.95 -8.19
N ALA H 45 3.15 -25.01 -7.89
CA ALA H 45 4.13 -24.57 -8.87
C ALA H 45 4.70 -25.79 -9.58
CA MET I 1 -17.76 -24.35 -12.19
C MET I 1 -16.74 -23.37 -12.72
N GLN I 2 -17.23 -22.27 -13.27
CA GLN I 2 -16.39 -21.30 -13.96
C GLN I 2 -15.73 -20.35 -12.96
N LYS I 3 -14.41 -20.38 -12.91
CA LYS I 3 -13.63 -19.49 -12.07
C LYS I 3 -13.40 -18.16 -12.79
N TYR I 4 -13.28 -17.09 -12.00
CA TYR I 4 -12.96 -15.76 -12.49
C TYR I 4 -11.78 -15.21 -11.71
N VAL I 5 -10.96 -14.39 -12.38
CA VAL I 5 -9.74 -13.83 -11.81
C VAL I 5 -9.76 -12.31 -11.91
N CYS I 6 -9.35 -11.65 -10.84
CA CYS I 6 -9.30 -10.19 -10.82
C CYS I 6 -8.19 -9.65 -11.71
N ASN I 7 -8.54 -8.72 -12.62
CA ASN I 7 -7.57 -8.11 -13.54
C ASN I 7 -6.45 -7.41 -12.79
N VAL I 8 -6.74 -6.89 -11.60
CA VAL I 8 -5.84 -5.99 -10.89
C VAL I 8 -4.90 -6.75 -9.97
N CYS I 9 -5.42 -7.68 -9.17
CA CYS I 9 -4.61 -8.30 -8.14
C CYS I 9 -4.43 -9.80 -8.26
N GLY I 10 -5.13 -10.45 -9.19
CA GLY I 10 -4.99 -11.89 -9.39
C GLY I 10 -5.81 -12.77 -8.49
N TYR I 11 -6.61 -12.19 -7.57
CA TYR I 11 -7.52 -12.96 -6.74
C TYR I 11 -8.44 -13.80 -7.63
N GLU I 12 -8.63 -15.07 -7.25
CA GLU I 12 -9.43 -16.01 -8.01
C GLU I 12 -10.73 -16.31 -7.27
N TYR I 13 -11.86 -16.09 -7.94
CA TYR I 13 -13.15 -16.50 -7.42
C TYR I 13 -13.47 -17.89 -7.98
N ASP I 14 -13.44 -18.89 -7.10
CA ASP I 14 -13.79 -20.25 -7.48
C ASP I 14 -15.13 -20.55 -6.83
N PRO I 15 -16.20 -20.72 -7.60
CA PRO I 15 -17.52 -21.01 -7.01
C PRO I 15 -17.52 -22.19 -6.07
N ALA I 16 -16.68 -23.20 -6.32
CA ALA I 16 -16.62 -24.37 -5.45
C ALA I 16 -16.18 -24.01 -4.04
N GLU I 17 -15.46 -22.90 -3.87
CA GLU I 17 -15.01 -22.42 -2.57
C GLU I 17 -16.04 -21.53 -1.89
N HIS I 18 -17.17 -21.26 -2.52
CA HIS I 18 -18.13 -20.28 -2.00
C HIS I 18 -19.56 -20.82 -2.09
N ASP I 19 -19.79 -22.01 -1.52
CA ASP I 19 -21.11 -22.62 -1.48
C ASP I 19 -21.70 -22.80 -2.88
N ASN I 20 -20.82 -23.02 -3.86
CA ASN I 20 -21.18 -23.29 -5.26
C ASN I 20 -21.92 -22.13 -5.92
N VAL I 21 -21.76 -20.91 -5.41
CA VAL I 21 -22.37 -19.73 -6.00
C VAL I 21 -21.62 -19.26 -7.25
N PRO I 22 -22.25 -19.27 -8.42
CA PRO I 22 -21.58 -18.79 -9.63
C PRO I 22 -21.32 -17.29 -9.57
N PHE I 23 -20.25 -16.87 -10.28
CA PHE I 23 -19.85 -15.46 -10.31
C PHE I 23 -20.96 -14.55 -10.82
N ASP I 24 -21.67 -14.98 -11.87
CA ASP I 24 -22.71 -14.14 -12.45
C ASP I 24 -23.90 -13.95 -11.51
N GLN I 25 -24.01 -14.76 -10.46
CA GLN I 25 -25.06 -14.63 -9.47
C GLN I 25 -24.62 -13.90 -8.21
N LEU I 26 -23.37 -13.44 -8.15
CA LEU I 26 -22.93 -12.66 -7.00
C LEU I 26 -23.69 -11.34 -6.94
N PRO I 27 -23.92 -10.82 -5.73
CA PRO I 27 -24.65 -9.55 -5.59
C PRO I 27 -23.95 -8.41 -6.33
N ASP I 28 -24.75 -7.42 -6.72
CA ASP I 28 -24.22 -6.27 -7.47
C ASP I 28 -23.24 -5.42 -6.67
N ASP I 29 -23.28 -5.50 -5.33
CA ASP I 29 -22.34 -4.74 -4.51
C ASP I 29 -21.14 -5.56 -4.06
N TRP I 30 -20.99 -6.78 -4.59
CA TRP I 30 -19.79 -7.56 -4.33
C TRP I 30 -18.59 -6.85 -4.96
N CYS I 31 -17.42 -7.04 -4.36
CA CYS I 31 -16.19 -6.49 -4.93
C CYS I 31 -15.05 -7.43 -4.58
N CYS I 32 -13.93 -7.26 -5.28
CA CYS I 32 -12.77 -8.11 -5.03
C CYS I 32 -12.37 -8.05 -3.57
N PRO I 33 -12.28 -9.17 -2.87
CA PRO I 33 -11.93 -9.11 -1.44
C PRO I 33 -10.53 -8.61 -1.17
N VAL I 34 -9.66 -8.62 -2.17
CA VAL I 34 -8.28 -8.19 -1.99
C VAL I 34 -8.08 -6.71 -2.32
N CYS I 35 -8.57 -6.27 -3.48
CA CYS I 35 -8.30 -4.91 -3.95
C CYS I 35 -9.54 -4.03 -4.10
N GLY I 36 -10.74 -4.60 -3.99
CA GLY I 36 -11.95 -3.81 -3.94
C GLY I 36 -12.55 -3.39 -5.27
N VAL I 37 -12.01 -3.84 -6.40
CA VAL I 37 -12.61 -3.47 -7.68
C VAL I 37 -13.93 -4.21 -7.88
N SER I 38 -14.77 -3.65 -8.77
CA SER I 38 -16.06 -4.26 -9.04
C SER I 38 -15.92 -5.49 -9.92
N LYS I 39 -17.04 -6.19 -10.11
CA LYS I 39 -17.08 -7.37 -10.96
C LYS I 39 -16.69 -7.07 -12.40
N ASP I 40 -16.76 -5.80 -12.83
CA ASP I 40 -16.34 -5.47 -14.19
C ASP I 40 -14.86 -5.73 -14.41
N GLN I 41 -14.06 -5.76 -13.34
CA GLN I 41 -12.62 -5.95 -13.45
C GLN I 41 -12.21 -7.39 -13.26
N PHE I 42 -13.11 -8.33 -13.51
CA PHE I 42 -12.80 -9.75 -13.47
C PHE I 42 -12.89 -10.33 -14.88
N SER I 43 -12.06 -11.35 -15.12
CA SER I 43 -12.03 -12.04 -16.40
C SER I 43 -12.10 -13.53 -16.14
N PRO I 44 -12.76 -14.30 -17.01
CA PRO I 44 -12.80 -15.75 -16.81
C PRO I 44 -11.41 -16.34 -16.98
N ALA I 45 -11.15 -17.41 -16.21
CA ALA I 45 -9.86 -18.06 -16.29
C ALA I 45 -9.96 -19.31 -17.15
N GLN J 2 -12.27 -0.33 -28.80
CA GLN J 2 -10.90 -0.65 -28.43
C GLN J 2 -10.74 -0.53 -26.92
N LYS J 3 -10.38 -1.63 -26.27
CA LYS J 3 -10.10 -1.59 -24.83
C LYS J 3 -8.67 -1.18 -24.56
N TYR J 4 -8.46 -0.56 -23.40
CA TYR J 4 -7.13 -0.17 -22.96
C TYR J 4 -6.90 -0.74 -21.57
N VAL J 5 -5.65 -1.08 -21.28
CA VAL J 5 -5.27 -1.69 -20.02
C VAL J 5 -4.16 -0.86 -19.39
N CYS J 6 -4.27 -0.64 -18.09
CA CYS J 6 -3.27 0.12 -17.36
C CYS J 6 -1.98 -0.69 -17.24
N ASN J 7 -0.86 -0.08 -17.65
CA ASN J 7 0.46 -0.73 -17.57
C ASN J 7 0.83 -1.10 -16.15
N VAL J 8 0.35 -0.33 -15.18
CA VAL J 8 0.82 -0.45 -13.81
C VAL J 8 -0.02 -1.45 -13.02
N CYS J 9 -1.35 -1.38 -13.12
CA CYS J 9 -2.19 -2.18 -12.22
C CYS J 9 -3.11 -3.17 -12.91
N GLY J 10 -3.20 -3.18 -14.25
CA GLY J 10 -4.06 -4.12 -14.94
C GLY J 10 -5.50 -3.71 -15.09
N TYR J 11 -5.90 -2.57 -14.55
CA TYR J 11 -7.25 -2.06 -14.77
C TYR J 11 -7.54 -1.96 -16.26
N GLU J 12 -8.75 -2.40 -16.65
CA GLU J 12 -9.17 -2.41 -18.05
C GLU J 12 -10.24 -1.35 -18.27
N TYR J 13 -9.98 -0.44 -19.20
CA TYR J 13 -10.99 0.53 -19.64
C TYR J 13 -11.69 -0.07 -20.85
N ASP J 14 -12.98 -0.41 -20.69
CA ASP J 14 -13.78 -0.96 -21.77
C ASP J 14 -14.78 0.12 -22.17
N PRO J 15 -14.67 0.71 -23.35
CA PRO J 15 -15.61 1.78 -23.72
C PRO J 15 -17.08 1.41 -23.58
N ALA J 16 -17.44 0.14 -23.80
CA ALA J 16 -18.84 -0.27 -23.66
C ALA J 16 -19.35 -0.12 -22.23
N GLU J 17 -18.46 -0.17 -21.24
CA GLU J 17 -18.88 0.00 -19.86
C GLU J 17 -18.96 1.46 -19.45
N HIS J 18 -18.64 2.38 -20.35
CA HIS J 18 -18.57 3.81 -20.04
C HIS J 18 -19.25 4.63 -21.12
N ASP J 19 -20.52 4.29 -21.38
CA ASP J 19 -21.37 5.04 -22.31
C ASP J 19 -20.75 5.16 -23.70
N ASN J 20 -19.97 4.15 -24.10
CA ASN J 20 -19.32 4.12 -25.40
C ASN J 20 -18.34 5.28 -25.58
N VAL J 21 -17.84 5.84 -24.49
CA VAL J 21 -16.85 6.92 -24.57
C VAL J 21 -15.49 6.35 -24.93
N PRO J 22 -14.96 6.67 -26.10
CA PRO J 22 -13.66 6.14 -26.50
C PRO J 22 -12.56 6.64 -25.58
N PHE J 23 -11.52 5.82 -25.44
CA PHE J 23 -10.41 6.18 -24.56
C PHE J 23 -9.83 7.54 -24.94
N ASP J 24 -9.70 7.80 -26.25
CA ASP J 24 -9.13 9.07 -26.69
C ASP J 24 -10.06 10.27 -26.42
N GLN J 25 -11.31 10.03 -26.05
CA GLN J 25 -12.26 11.08 -25.68
C GLN J 25 -12.39 11.29 -24.16
N LEU J 26 -11.62 10.57 -23.36
CA LEU J 26 -11.67 10.77 -21.91
C LEU J 26 -11.20 12.18 -21.53
N PRO J 27 -11.68 12.71 -20.40
CA PRO J 27 -11.29 14.06 -19.96
C PRO J 27 -9.78 14.20 -19.80
N ASP J 28 -9.33 15.46 -19.90
CA ASP J 28 -7.91 15.77 -19.82
C ASP J 28 -7.30 15.43 -18.47
N ASP J 29 -8.11 15.44 -17.40
CA ASP J 29 -7.62 15.15 -16.07
C ASP J 29 -8.06 13.77 -15.57
N TRP J 30 -8.45 12.89 -16.48
CA TRP J 30 -8.78 11.53 -16.10
C TRP J 30 -7.51 10.79 -15.70
N CYS J 31 -7.65 9.82 -14.79
CA CYS J 31 -6.53 8.98 -14.41
C CYS J 31 -7.06 7.60 -14.08
N CYS J 32 -6.16 6.62 -14.02
CA CYS J 32 -6.58 5.25 -13.74
C CYS J 32 -7.38 5.22 -12.43
N PRO J 33 -8.61 4.71 -12.44
CA PRO J 33 -9.38 4.71 -11.19
C PRO J 33 -8.79 3.88 -10.07
N VAL J 34 -7.88 2.94 -10.38
CA VAL J 34 -7.28 2.10 -9.35
C VAL J 34 -5.99 2.68 -8.83
N CYS J 35 -5.06 3.05 -9.71
CA CYS J 35 -3.72 3.43 -9.28
C CYS J 35 -3.37 4.89 -9.56
N GLY J 36 -4.19 5.63 -10.30
CA GLY J 36 -3.98 7.06 -10.44
C GLY J 36 -3.01 7.51 -11.52
N VAL J 37 -2.47 6.60 -12.33
CA VAL J 37 -1.56 7.04 -13.40
C VAL J 37 -2.33 7.73 -14.53
N SER J 38 -1.61 8.54 -15.31
CA SER J 38 -2.24 9.25 -16.42
C SER J 38 -2.54 8.30 -17.58
N LYS J 39 -3.28 8.84 -18.55
CA LYS J 39 -3.63 8.08 -19.76
C LYS J 39 -2.41 7.61 -20.53
N ASP J 40 -1.25 8.24 -20.37
CA ASP J 40 -0.05 7.78 -21.06
C ASP J 40 0.38 6.39 -20.63
N GLN J 41 -0.06 5.93 -19.45
CA GLN J 41 0.33 4.62 -18.96
C GLN J 41 -0.67 3.53 -19.31
N PHE J 42 -1.43 3.71 -20.38
CA PHE J 42 -2.35 2.68 -20.85
C PHE J 42 -1.87 2.15 -22.20
N SER J 43 -2.19 0.88 -22.47
CA SER J 43 -1.84 0.24 -23.72
C SER J 43 -3.09 -0.43 -24.27
N PRO J 44 -3.25 -0.46 -25.60
CA PRO J 44 -4.44 -1.09 -26.17
C PRO J 44 -4.41 -2.59 -25.91
N ALA J 45 -5.58 -3.14 -25.64
CA ALA J 45 -5.72 -4.57 -25.37
C ALA J 45 -6.36 -5.30 -26.54
FE FE K . -9.11 -0.60 9.90
C4 A1CET L . -9.23 -10.89 6.11
C5 A1CET L . -9.82 -12.14 6.18
C6 A1CET L . -11.14 -12.25 6.66
C7 A1CET L . -7.91 -13.31 5.31
C8 A1CET L . -7.60 -14.72 4.88
C10 A1CET L . -6.90 -17.32 7.40
C13 A1CET L . -11.95 -17.75 9.01
C15 A1CET L . -13.42 -15.08 6.96
C1 A1CET L . -11.84 -11.13 7.06
C11 A1CET L . -8.98 -18.35 6.92
C12 A1CET L . -10.44 -18.31 7.27
C14 A1CET L . -12.90 -17.14 8.04
C16 A1CET L . -13.07 -13.63 7.01
C2 A1CET L . -11.24 -9.88 6.98
C3 A1CET L . -9.94 -9.77 6.51
C9 A1CET L . -6.70 -16.53 6.13
O1 A1CET L . -11.67 -13.51 6.72
O2 A1CET L . -9.25 -13.33 5.81
O3 A1CET L . -7.75 -15.57 6.01
O4 A1CET L . -8.28 -17.39 7.71
O5 A1CET L . -10.62 -17.63 8.51
O6 A1CET L . -12.57 -15.76 7.88
C ACT M . -5.95 -8.53 14.00
O ACT M . -6.58 -8.81 12.97
OXT ACT M . -6.40 -8.27 15.11
CH3 ACT M . -4.42 -8.52 13.85
C ACT N . -16.35 -8.01 6.27
O ACT N . -16.35 -8.90 5.40
OXT ACT N . -15.87 -8.13 7.42
CH3 ACT N . -17.01 -6.67 5.88
NA NA O . -8.11 -13.84 11.41
NA NA P . -12.59 -2.58 1.56
NA NA Q . -20.69 7.95 9.43
NA NA R . -21.95 3.35 25.36
NA NA S . -13.02 5.68 23.42
FE FE T . 2.43 -2.06 12.90
C4 A1CET U . 9.07 -9.45 8.30
C5 A1CET U . 10.02 -10.43 8.55
C6 A1CET U . 9.91 -11.22 9.71
C7 A1CET U . 11.28 -9.97 6.56
C8 A1CET U . 12.46 -10.55 5.82
C10 A1CET U . 16.07 -10.84 6.62
C13 A1CET U . 15.34 -13.16 11.45
C15 A1CET U . 11.86 -14.08 10.80
C1 A1CET U . 8.87 -11.00 10.60
C11 A1CET U . 17.00 -11.83 8.52
C12 A1CET U . 16.87 -12.08 10.00
C14 A1CET U . 14.21 -14.10 11.15
C16 A1CET U . 10.69 -13.15 10.87
C2 A1CET U . 7.93 -10.02 10.35
C3 A1CET U . 8.04 -9.24 9.20
C9 A1CET U . 14.78 -10.92 5.84
O1 A1CET U . 10.89 -12.14 9.87
O2 A1CET U . 11.09 -10.73 7.76
O3 A1CET U . 13.66 -10.48 6.58
O4 A1CET U . 15.89 -11.10 8.01
O5 A1CET U . 15.50 -12.24 10.37
O6 A1CET U . 13.03 -13.32 11.01
C ACT V . 11.93 -2.44 12.69
O ACT V . 11.29 -3.32 12.12
OXT ACT V . 12.35 -2.48 13.84
CH3 ACT V . 12.24 -1.17 11.87
OXT 15P W . 10.31 -3.56 4.49
C1 15P W . 10.28 -2.71 3.34
C2 15P W . 11.47 -2.93 2.46
O1 15P W . 12.65 -2.87 3.26
C3 15P W . 13.85 -2.88 2.50
C4 15P W . 14.93 -2.36 3.39
O2 15P W . 14.48 -2.49 4.73
C5 15P W . 15.34 -1.88 5.68
C6 15P W . 14.96 -2.37 7.04
O3 15P W . 13.57 -2.18 7.23
C7 15P W . 13.07 -2.81 8.40
C8 15P W . 11.61 -2.51 8.54
O4 15P W . 10.97 -2.61 7.28
C9 15P W . 9.56 -2.45 7.34
C10 15P W . 8.92 -3.76 7.68
O5 15P W . 9.23 -4.67 6.63
C11 15P W . 8.45 -5.86 6.68
C12 15P W . 8.77 -6.69 5.48
O6 15P W . 7.83 -7.76 5.39
C13 15P W . 8.03 -8.57 4.23
C14 15P W . 6.87 -9.50 4.10
O7 15P W . 6.78 -10.31 5.26
C15 15P W . 7.69 -11.40 5.23
C16 15P W . 7.72 -12.10 6.56
O8 15P W . 6.40 -12.48 6.93
C17 15P W . 6.33 -12.96 8.27
C18 15P W . 4.93 -13.41 8.57
O9 15P W . 4.02 -12.34 8.38
C19 15P W . 3.87 -11.53 9.56
C20 15P W . 3.39 -10.18 9.15
O10 15P W . 4.42 -9.52 8.43
C21 15P W . 4.11 -8.18 8.05
C22 15P W . 3.27 -8.16 6.82
O11 15P W . 1.91 -8.02 7.17
C23 15P W . 1.05 -7.98 6.03
C24 15P W . -0.31 -8.46 6.41
O12 15P W . -0.41 -9.87 6.26
C25 15P W . 0.67 -10.58 6.86
C26 15P W . 0.24 -11.94 7.26
O13 15P W . -0.73 -11.86 8.31
C27 15P W . -0.17 -11.98 9.60
C28 15P W . -1.30 -11.95 10.61
O14 15P W . -1.92 -10.66 10.57
C29 15P W . -3.28 -10.67 10.93
C30 15P W . -3.87 -9.35 10.56
O15 15P W . -3.18 -8.86 9.41
C31 15P W . -3.64 -7.59 9.00
C32 15P W . -4.92 -7.74 8.24
O16 15P W . -4.71 -8.58 7.12
C33 15P W . -5.80 -8.56 6.20
C34 15P W . -5.48 -9.43 5.01
O17 15P W . -6.54 -9.33 4.06
C35 15P W . -6.32 -10.08 2.87
C36 15P W . -7.35 -9.68 1.86
O18 15P W . -8.66 -9.92 2.36
C37 15P W . -9.04 -11.29 2.25
C38 15P W . -10.38 -11.48 2.88
O19 15P W . -11.32 -10.55 2.35
C39 15P W . -12.61 -10.65 2.95
C40 15P W . -13.54 -9.67 2.31
O20 15P W . -13.09 -8.35 2.58
C41 15P W . -13.35 -7.92 3.91
C42 15P W . -12.61 -6.66 4.16
O21 15P W . -11.22 -6.91 3.93
C43 15P W . -10.39 -5.80 4.24
C44 15P W . -8.99 -6.13 3.80
O22 15P W . -8.97 -6.36 2.40
NA NA X . 14.40 -7.80 11.09
NA NA Y . -1.07 -9.67 8.78
NA NA Z . -8.12 -4.79 22.03
FE FE AA . 8.87 6.59 7.69
C4 A1CET BA . 14.79 5.05 -1.46
C5 A1CET BA . 16.04 5.27 -2.03
C6 A1CET BA . 17.18 5.28 -1.19
C7 A1CET BA . 15.21 5.40 -4.28
C8 A1CET BA . 15.76 5.58 -5.67
C10 A1CET BA . 17.28 8.60 -7.14
C13 A1CET BA . 21.65 8.23 -4.14
C15 A1CET BA . 20.73 5.43 -1.96
C1 A1CET BA . 17.06 5.08 0.17
C11 A1CET BA . 19.62 8.29 -7.19
C12 A1CET BA . 20.86 8.39 -6.37
C14 A1CET BA . 21.85 6.97 -3.38
C16 A1CET BA . 19.54 5.33 -1.05
C2 A1CET BA . 15.80 4.86 0.73
C3 A1CET BA . 14.67 4.86 -0.09
C9 A1CET BA . 16.77 7.19 -7.11
O1 A1CET BA . 18.36 5.49 -1.85
O2 A1CET BA . 16.31 5.47 -3.35
O3 A1CET BA . 16.37 6.86 -5.79
O4 A1CET BA . 18.50 8.70 -6.41
O5 A1CET BA . 20.58 7.98 -5.04
O6 A1CET BA . 20.66 6.66 -2.67
C ACT CA . 11.94 13.05 1.42
O ACT CA . 12.68 13.86 2.03
OXT ACT CA . 12.19 11.85 1.24
CH3 ACT CA . 10.64 13.60 0.83
NA NA DA . 16.68 10.68 -2.31
C ACT EA . 15.45 13.18 -1.02
O ACT EA . 15.56 14.35 -0.61
OXT ACT EA . 16.35 12.32 -1.05
CH3 ACT EA . 14.04 12.78 -1.52
NA NA FA . 12.25 -1.75 5.26
NA NA GA . 12.09 1.30 20.60
NA NA HA . 16.35 19.23 7.31
FE FE IA . 1.28 13.32 1.38
C4 A1CET JA . 0.22 12.49 -9.42
C5 A1CET JA . 0.22 13.22 -10.62
C6 A1CET JA . 0.95 14.43 -10.70
C7 A1CET JA . -1.27 11.68 -11.70
C8 A1CET JA . -1.83 11.47 -13.09
C10 A1CET JA . -4.50 13.60 -14.55
C13 A1CET JA . -1.29 17.90 -15.24
C15 A1CET JA . 1.67 16.58 -13.53
C1 A1CET JA . 1.66 14.88 -9.60
C11 A1CET JA . -4.02 15.51 -15.86
C12 A1CET JA . -3.02 16.57 -16.17
C14 A1CET JA . 0.14 17.52 -15.08
C16 A1CET JA . 1.80 16.15 -12.12
C2 A1CET JA . 1.67 14.14 -8.42
C3 A1CET JA . 0.94 12.97 -8.33
C9 A1CET JA . -3.77 12.33 -14.18
O1 A1CET JA . 0.88 15.06 -11.91
O2 A1CET JA . -0.46 12.86 -11.75
O3 A1CET JA . -2.58 12.62 -13.46
O4 A1CET JA . -3.58 14.66 -14.79
O5 A1CET JA . -2.09 16.72 -15.11
O6 A1CET JA . 0.31 16.95 -13.79
C ACT KA . -6.12 16.10 -4.05
O ACT KA . -6.31 17.31 -3.89
OXT ACT KA . -5.08 15.58 -4.51
CH3 ACT KA . -7.29 15.18 -3.65
NA NA LA . -4.14 16.52 -10.38
C ACT MA . -6.10 17.74 -8.05
O ACT MA . -5.15 17.87 -8.87
OXT ACT MA . -6.75 18.67 -7.52
CH3 ACT MA . -6.49 16.30 -7.67
NA NA NA . 8.05 10.04 -4.08
NA NA OA . -7.24 22.77 1.50
NA NA PA . -6.57 25.26 -0.99
OXT 15P QA . -9.88 -1.92 1.69
C1 15P QA . -9.75 -3.29 1.36
C2 15P QA . -10.81 -3.73 0.41
O1 15P QA . -11.04 -5.13 0.56
C3 15P QA . -12.16 -5.60 -0.16
C4 15P QA . -13.35 -5.72 0.75
O2 15P QA . -13.96 -4.45 0.97
C5 15P QA . -15.05 -4.52 1.88
C6 15P QA . -15.82 -3.23 1.83
O3 15P QA . -14.92 -2.14 1.99
C7 15P QA . -15.54 -0.87 1.82
C8 15P QA . -14.51 0.19 1.93
O4 15P QA . -13.29 -0.24 1.36
C9 15P QA . -12.31 0.78 1.29
C10 15P QA . -12.48 1.56 0.05
O5 15P QA . -12.30 0.67 -1.06
C11 15P QA . -12.10 1.35 -2.29
C12 15P QA . -11.89 0.34 -3.38
O6 15P QA . -11.38 1.00 -4.52
C13 15P QA . -11.13 0.15 -5.63
C14 15P QA . -10.39 0.93 -6.66
O7 15P QA . -11.20 2.01 -7.12
C15 15P QA . -12.04 1.64 -8.20
C16 15P QA . -13.00 2.76 -8.49
O8 15P QA . -12.30 4.00 -8.54
C17 15P QA . -13.15 5.12 -8.64
C18 15P QA . -12.39 6.36 -8.26
O9 15P QA . -11.79 6.16 -6.98
C19 15P QA . -11.38 7.37 -6.35
C20 15P QA . -10.44 7.05 -5.22
O10 15P QA . -9.15 6.77 -5.75
C21 15P QA . -8.18 6.52 -4.75
C22 15P QA . -6.86 6.19 -5.38
O11 15P QA . -6.32 7.34 -6.02
C23 15P QA . -5.80 7.07 -7.32
C24 15P QA . -6.94 6.94 -8.29
O12 15P QA . -7.59 8.20 -8.43
C25 15P QA . -8.80 8.12 -9.17
C26 15P QA . -9.39 9.49 -9.27
O13 15P QA . -9.76 9.92 -7.97
C27 15P QA . -10.06 11.32 -7.91
C28 15P QA . -8.80 12.11 -7.95
O14 15P QA . -7.99 11.78 -6.82
C29 15P QA . -6.89 12.68 -6.65
C30 15P QA . -6.05 12.24 -5.50
O15 15P QA . -5.67 10.88 -5.69
C31 15P QA . -4.72 10.43 -4.73
C32 15P QA . -3.33 10.74 -5.21
O16 15P QA . -3.09 9.99 -6.41
C33 15P QA . -1.73 10.02 -6.81
C34 15P QA . -1.56 9.13 -7.98
O17 15P QA . -0.17 9.05 -8.32
C35 15P QA . 0.10 8.13 -9.38
C36 15P QA . 1.58 7.86 -9.41
O18 15P QA . 2.28 9.06 -9.72
C37 15P QA . 2.43 9.25 -11.12
C38 15P QA . 2.95 10.62 -11.37
O19 15P QA . 4.15 10.82 -10.65
C39 15P QA . 4.68 12.13 -10.81
C40 15P QA . 6.08 12.17 -10.27
O20 15P QA . 6.03 11.84 -8.87
C41 15P QA . 5.63 12.93 -8.07
C42 15P QA . 5.31 12.40 -6.71
O21 15P QA . 4.28 11.43 -6.84
C43 15P QA . 3.80 10.97 -5.59
C44 15P QA . 2.93 9.77 -5.79
O22 15P QA . 3.67 8.73 -6.43
C45 15P QA . 4.07 7.69 -5.54
C46 15P QA . 4.99 8.20 -4.46
O23 15P QA . 6.35 8.03 -4.84
C47 15P QA . 6.61 8.35 -6.20
C48 15P QA . 8.05 8.10 -6.47
O24 15P QA . 8.76 9.31 -6.27
C49 15P QA . 8.66 10.16 -7.40
C50 15P QA . 9.45 11.40 -7.13
O25 15P QA . 8.80 12.12 -6.08
C51 15P QA . 9.63 13.11 -5.50
C52 15P QA . 10.60 12.45 -4.58
O26 15P QA . 9.90 11.74 -3.57
C53 15P QA . 10.76 11.32 -2.51
C54 15P QA . 10.01 10.63 -1.44
O27 15P QA . 9.29 9.53 -1.97
C55 15P QA . 8.74 8.71 -0.94
C56 15P QA . 9.75 7.68 -0.53
O28 15P QA . 10.07 6.89 -1.67
C57 15P QA . 10.80 5.71 -1.37
C58 15P QA . 10.99 4.91 -2.62
O29 15P QA . 11.59 3.67 -2.29
C59 15P QA . 11.73 2.78 -3.39
C60 15P QA . 12.06 1.41 -2.86
O30 15P QA . 13.31 1.45 -2.18
C61 15P QA . 14.40 1.19 -3.05
C62 15P QA . 15.71 1.44 -2.36
O31 15P QA . 15.74 0.76 -1.12
C63 15P QA . 16.97 0.93 -0.43
C64 15P QA . 17.04 -0.06 0.69
O32 15P QA . 15.92 0.11 1.54
C65 15P QA . 16.01 1.28 2.33
C66 15P QA . 14.79 1.39 3.18
O33 15P QA . 13.65 1.18 2.36
C67 15P QA . 12.42 1.49 3.00
C68 15P QA . 11.29 0.82 2.27
O34 15P QA . 11.43 0.99 0.87
CM 15P QA . 11.52 2.36 0.49
FE FE RA . -9.92 8.97 2.58
C4 A1CET SA . -14.59 2.88 -5.02
C5 A1CET SA . -15.74 2.64 -5.76
C6 A1CET SA . -16.57 3.72 -6.11
C7 A1CET SA . -15.38 0.26 -5.88
C8 A1CET SA . -16.00 -0.91 -6.58
C10 A1CET SA . -19.16 -2.44 -5.43
C13 A1CET SA . -22.19 1.64 -7.28
C15 A1CET SA . -19.48 3.91 -8.28
C1 A1CET SA . -16.25 5.02 -5.71
C11 A1CET SA . -21.25 -1.79 -6.32
C12 A1CET SA . -22.00 -0.71 -7.03
C14 A1CET SA . -21.43 2.55 -8.19
C16 A1CET SA . -18.41 4.50 -7.42
C2 A1CET SA . -15.10 5.24 -4.96
C3 A1CET SA . -14.28 4.18 -4.62
C9 A1CET SA . -17.73 -2.41 -5.89
O1 A1CET SA . -17.69 3.41 -6.85
O2 A1CET SA . -16.16 1.43 -6.21
O3 A1CET SA . -17.35 -1.06 -6.16
O4 A1CET SA . -19.91 -1.40 -6.05
O5 A1CET SA . -21.37 0.56 -6.87
O6 A1CET SA . -20.30 3.05 -7.49
C ACT TA . -17.02 2.92 3.44
O ACT TA . -16.44 2.96 2.35
OXT ACT TA . -18.02 3.60 3.75
CH3 ACT TA . -16.46 1.94 4.46
NA NA UA . -19.78 1.28 -2.10
C ACT VA . -20.27 1.62 1.03
O ACT VA . -20.97 1.94 2.02
OXT ACT VA . -20.50 1.91 -0.17
CH3 ACT VA . -19.01 0.80 1.33
NA NA WA . -7.62 9.37 -6.39
NA NA XA . -14.90 17.42 14.25
NA NA YA . -21.89 4.19 2.86
NA NA ZA . 18.50 6.71 -4.10
C ACT AB . 19.38 3.74 -5.43
O ACT AB . 19.24 4.98 -5.48
OXT ACT AB . 20.28 3.09 -6.00
CH3 ACT AB . 18.35 2.96 -4.60
FE FE BB . 8.11 1.59 -10.91
C4 A1CET CB . 12.70 8.37 -3.75
C5 A1CET CB . 13.69 9.33 -3.55
C6 A1CET CB . 14.13 10.11 -4.63
C7 A1CET CB . 13.96 8.82 -1.21
C8 A1CET CB . 14.74 9.37 -0.05
C10 A1CET CB . 18.39 8.81 0.40
C13 A1CET CB . 19.82 12.11 -3.77
C15 A1CET CB . 16.38 12.98 -4.69
C1 A1CET CB . 13.59 9.92 -5.89
C11 A1CET CB . 20.10 9.76 -0.95
C12 A1CET CB . 20.43 10.96 -1.79
C14 A1CET CB . 18.65 13.02 -3.96
C16 A1CET CB . 15.37 12.05 -5.30
C2 A1CET CB . 12.59 8.96 -6.08
C3 A1CET CB . 12.16 8.19 -5.00
C9 A1CET CB . 16.93 8.87 0.77
O1 A1CET CB . 15.10 11.02 -4.34
O2 A1CET CB . 14.31 9.60 -2.37
O3 A1CET CB . 16.14 9.30 -0.34
O4 A1CET CB . 18.75 9.84 -0.52
O5 A1CET CB . 19.46 11.12 -2.82
O6 A1CET CB . 17.55 12.23 -4.38
C ACT DB . 16.46 0.69 -6.57
O ACT DB . 17.41 0.64 -7.37
OXT ACT DB . 15.73 1.66 -6.34
CH3 ACT DB . 16.20 -0.58 -5.76
NA NA EB . 4.27 9.69 -8.37
NA NA FB . 2.45 5.49 -23.29
NA NA GB . 20.63 2.81 -8.62
NA NA HB . 16.90 17.73 -7.86
NA NA IB . 13.23 -11.84 8.76
C ACT JB . 12.33 -14.48 6.97
O ACT JB . 13.22 -13.82 7.52
OXT ACT JB . 12.47 -15.57 6.38
CH3 ACT JB . 10.91 -13.90 7.03
FE FE KB . 10.75 -7.61 -3.62
C4 A1CET LB . 12.54 -6.27 6.93
C5 A1CET LB . 13.37 -6.52 8.02
C6 A1CET LB . 14.74 -6.73 7.81
C7 A1CET LB . 11.56 -6.40 9.57
C8 A1CET LB . 11.33 -6.20 11.03
C10 A1CET LB . 11.72 -9.51 12.61
C13 A1CET LB . 17.00 -9.49 12.78
C15 A1CET LB . 17.54 -7.03 10.10
C1 A1CET LB . 15.26 -6.70 6.53
C11 A1CET LB . 13.58 -9.64 14.06
C12 A1CET LB . 15.06 -9.43 14.16
C14 A1CET LB . 17.61 -8.31 12.10
C16 A1CET LB . 16.93 -6.98 8.73
C2 A1CET LB . 14.43 -6.46 5.44
C3 A1CET LB . 13.08 -6.25 5.65
C9 A1CET LB . 11.18 -8.49 11.64
O1 A1CET LB . 15.51 -6.95 8.92
O2 A1CET LB . 12.97 -6.55 9.33
O3 A1CET LB . 11.82 -7.24 11.86
O4 A1CET LB . 13.12 -9.35 12.75
O5 A1CET LB . 15.60 -9.32 12.84
O6 A1CET LB . 17.01 -8.16 10.80
C ACT MB . 10.20 -14.05 3.30
O ACT MB . 11.00 -14.96 3.02
OXT ACT MB . 10.51 -12.89 3.59
CH3 ACT MB . 8.71 -14.44 3.32
NA NA NB . 13.56 0.41 0.05
NA NA OB . 19.61 -2.99 -13.89
NA NA PB . 13.91 -16.74 4.67
NA NA QB . -10.29 -15.55 6.64
FE FE RB . 0.40 -13.39 -1.15
C4 A1CET SB . -5.09 -12.18 8.14
C5 A1CET SB . -5.66 -12.81 9.24
C6 A1CET SB . -5.25 -14.11 9.58
C7 A1CET SB . -7.10 -10.96 9.68
C8 A1CET SB . -7.95 -10.48 10.82
C10 A1CET SB . -11.06 -12.34 10.46
C13 A1CET SB . -9.43 -16.36 13.45
C15 A1CET SB . -5.91 -16.29 12.42
C1 A1CET SB . -4.28 -14.75 8.86
C11 A1CET SB . -11.27 -14.15 11.99
C12 A1CET SB . -10.97 -14.55 13.40
C14 A1CET SB . -7.97 -16.66 13.51
C16 A1CET SB . -5.32 -15.94 11.10
C2 A1CET SB . -3.71 -14.12 7.75
C3 A1CET SB . -4.12 -12.85 7.40
C9 A1CET SB . -10.12 -11.22 10.22
O1 A1CET SB . -5.83 -14.66 10.69
O2 A1CET SB . -6.62 -12.26 10.05
O3 A1CET SB . -8.98 -11.43 11.03
O4 A1CET SB . -10.80 -12.82 11.78
O5 A1CET SB . -9.60 -14.95 13.49
O6 A1CET SB . -7.33 -16.15 12.35
C ACT TB . -8.74 -15.06 0.59
O ACT TB . -9.01 -16.22 0.26
OXT ACT TB . -8.07 -14.72 1.58
CH3 ACT TB . -9.30 -13.95 -0.32
NA NA UB . 4.71 -10.38 6.35
NA NA VB . -8.19 -22.20 -4.97
NA NA WB . -18.66 1.02 -6.83
C ACT XB . -17.81 0.78 -9.93
O ACT XB . -18.51 0.49 -8.93
OXT ACT XB . -18.15 0.66 -11.13
CH3 ACT XB . -16.40 1.32 -9.64
FE FE YB . -8.54 -7.70 -6.93
C4 A1CET ZB . -15.44 -0.96 -1.98
C5 A1CET ZB . -16.77 -0.63 -1.81
C6 A1CET ZB . -17.76 -1.62 -1.91
C7 A1CET ZB . -16.31 1.71 -1.45
C8 A1CET ZB . -17.10 2.92 -1.07
C10 A1CET ZB . -19.26 4.71 -3.46
C13 A1CET ZB . -23.11 0.99 -3.30
C15 A1CET ZB . -21.33 -1.48 -1.25
C1 A1CET ZB . -17.41 -2.94 -2.17
C11 A1CET ZB . -21.58 4.31 -3.60
C12 A1CET ZB . -22.67 3.31 -3.34
C14 A1CET ZB . -22.91 0.05 -2.16
C16 A1CET ZB . -20.05 -2.18 -1.58
C2 A1CET ZB . -16.07 -3.27 -2.32
C3 A1CET ZB . -15.09 -2.28 -2.24
C9 A1CET ZB . -18.20 4.54 -2.41
O1 A1CET ZB . -19.04 -1.18 -1.74
O2 A1CET ZB . -17.25 0.62 -1.55
O3 A1CET ZB . -18.09 3.17 -2.05
O4 A1CET ZB . -20.31 3.76 -3.27
O5 A1CET ZB . -22.12 2.00 -3.24
O6 A1CET ZB . -21.62 -0.55 -2.28
C ACT AC . -13.98 -0.92 -10.85
O ACT AC . -13.97 -1.10 -9.63
OXT ACT AC . -14.77 -1.43 -11.67
CH3 ACT AC . -12.89 0.03 -11.39
NA NA BC . -10.51 -8.09 2.08
NA NA CC . -18.70 -1.97 -12.21
NA NA DC . -16.84 -0.63 -15.34
NA NA EC . -15.04 -5.84 -17.82
NA NA FC . -1.06 14.77 -13.54
C ACT GC . 0.97 13.23 -15.60
O ACT GC . 1.47 13.23 -16.74
OXT ACT GC . -0.09 13.79 -15.27
CH3 ACT GC . 1.74 12.48 -14.50
FE FE HC . -3.78 1.59 -12.95
C4 A1CET IC . -4.27 11.81 -9.27
C5 A1CET IC . -4.63 13.12 -9.58
C6 A1CET IC . -5.66 13.36 -10.51
C7 A1CET IC . -3.01 14.12 -8.08
C8 A1CET IC . -2.70 15.52 -7.64
C10 A1CET IC . -0.92 18.05 -9.67
C13 A1CET IC . -5.01 18.81 -13.12
C15 A1CET IC . -7.30 16.44 -11.53
C1 A1CET IC . -6.28 12.30 -11.14
C11 A1CET IC . -1.91 19.49 -11.26
C12 A1CET IC . -3.15 19.79 -12.06
C14 A1CET IC . -6.28 18.37 -12.46
C16 A1CET IC . -7.13 14.96 -11.47
C2 A1CET IC . -5.93 10.99 -10.82
C3 A1CET IC . -4.91 10.76 -9.89
C9 A1CET IC . -1.31 17.28 -8.43
O1 A1CET IC . -5.93 14.68 -10.76
O2 A1CET IC . -4.08 14.25 -9.04
O3 A1CET IC . -2.30 16.31 -8.75
O4 A1CET IC . -2.04 18.28 -10.52
O5 A1CET IC . -3.95 18.62 -12.20
O6 A1CET IC . -6.14 16.99 -12.14
C ACT JC . 1.82 8.90 -15.19
O ACT JC . 1.66 9.08 -16.42
OXT ACT JC . 0.96 9.11 -14.33
CH3 ACT JC . 3.20 8.42 -14.73
NA NA KC . -10.39 4.36 -7.06
#